data_5AF9
#
_entry.id   5AF9
#
_cell.length_a   70.034
_cell.length_b   71.246
_cell.length_c   72.138
_cell.angle_alpha   90.00
_cell.angle_beta   100.38
_cell.angle_gamma   90.00
#
_symmetry.space_group_name_H-M   'C 1 2 1'
#
loop_
_entity.id
_entity.type
_entity.pdbx_description
1 polymer 'THROMBIN HEAVY CHAIN'
2 polymer 'HIRUDIN VARIANT-2'
3 polymer 'THROMBIN LIGHT CHAIN'
4 non-polymer 2-acetamido-2-deoxy-beta-D-glucopyranose
5 non-polymer 'SODIUM ION'
6 non-polymer 'DIMETHYL SULFOXIDE'
7 non-polymer 4-methoxy-N-(pyridin-2-yl)benzamide
8 non-polymer 'PHOSPHATE ION'
9 non-polymer GLYCEROL
10 non-polymer 1,2-ETHANEDIOL
11 water water
#
loop_
_entity_poly.entity_id
_entity_poly.type
_entity_poly.pdbx_seq_one_letter_code
_entity_poly.pdbx_strand_id
1 'polypeptide(L)'
;IVEGSDAEIGMSPWQVMLFRKSPQELLCGASLISDRWVLTAAHCLLYPPWDKNFTENDLLVRIGKHSRTRYERNIEKISM
LEKIYIHPRYNWRENLDRDIALMKLKKPVAFSDYIHPVCLPDRETAASLLQAGYKGRVTGWGNLKETWTANVGKGQPSVL
QVVNLPIVERPVCKDSTRIRITDNMFCAGYKPDEGKRGDACEGDSGGPFVMKSPFNNRWYQMGIVSWGEGCDRDGKYGFY
THVFRLKKWIQKVIDQFG
;
H
2 'polypeptide(L)' GDFEEIPEE(TYS)LQ I
3 'polypeptide(L)' EADCGLRPLFEKKSLEDKTERELLESYID L
#
# COMPACT_ATOMS: atom_id res chain seq x y z
N ILE A 1 -10.14 -0.32 5.30
CA ILE A 1 -10.78 -0.18 3.98
C ILE A 1 -12.31 -0.13 4.18
N VAL A 2 -12.95 0.87 3.60
CA VAL A 2 -14.40 1.05 3.67
C VAL A 2 -15.03 0.52 2.39
N GLU A 3 -16.08 -0.28 2.54
CA GLU A 3 -16.87 -0.80 1.45
C GLU A 3 -16.05 -1.68 0.52
N GLY A 4 -15.08 -2.38 1.10
CA GLY A 4 -14.32 -3.38 0.37
C GLY A 4 -14.85 -4.77 0.68
N SER A 5 -14.01 -5.77 0.42
CA SER A 5 -14.36 -7.14 0.69
C SER A 5 -13.14 -7.87 1.23
N ASP A 6 -13.36 -9.06 1.74
CA ASP A 6 -12.23 -9.86 2.20
C ASP A 6 -11.36 -10.24 1.04
N ALA A 7 -10.05 -10.10 1.22
CA ALA A 7 -9.12 -10.58 0.24
C ALA A 7 -9.19 -12.10 0.11
N GLU A 8 -8.87 -12.60 -1.08
CA GLU A 8 -8.60 -14.00 -1.27
C GLU A 8 -7.23 -14.36 -0.72
N ILE A 9 -7.04 -15.62 -0.38
CA ILE A 9 -5.73 -16.06 0.06
C ILE A 9 -4.72 -15.85 -1.06
N GLY A 10 -3.61 -15.21 -0.73
CA GLY A 10 -2.55 -14.97 -1.67
C GLY A 10 -2.85 -13.92 -2.72
N MET A 11 -3.91 -13.13 -2.52
CA MET A 11 -4.31 -12.14 -3.50
C MET A 11 -3.38 -10.96 -3.57
N SER A 12 -2.73 -10.65 -2.46
N SER A 12 -2.75 -10.62 -2.45
CA SER A 12 -1.86 -9.49 -2.32
CA SER A 12 -1.84 -9.49 -2.37
C SER A 12 -0.59 -9.90 -1.58
C SER A 12 -0.60 -9.92 -1.59
N PRO A 13 0.25 -10.75 -2.20
CA PRO A 13 1.34 -11.38 -1.46
C PRO A 13 2.49 -10.44 -1.17
N TRP A 14 2.40 -9.24 -1.71
CA TRP A 14 3.30 -8.15 -1.40
C TRP A 14 2.83 -7.31 -0.20
N GLN A 15 1.66 -7.58 0.34
CA GLN A 15 1.16 -6.75 1.42
CA GLN A 15 1.12 -6.82 1.47
C GLN A 15 1.99 -6.96 2.67
N VAL A 16 2.32 -5.87 3.34
CA VAL A 16 3.09 -5.91 4.57
C VAL A 16 2.33 -5.14 5.63
N MET A 17 2.38 -5.65 6.86
CA MET A 17 1.86 -4.94 8.01
C MET A 17 3.02 -4.35 8.79
N LEU A 18 2.96 -3.04 9.01
CA LEU A 18 3.89 -2.36 9.90
C LEU A 18 3.34 -2.44 11.30
N PHE A 19 4.11 -3.03 12.21
CA PHE A 19 3.62 -3.43 13.51
C PHE A 19 4.48 -2.81 14.58
N ARG A 20 3.83 -2.14 15.53
N ARG A 20 3.84 -2.12 15.53
CA ARG A 20 4.54 -1.57 16.66
CA ARG A 20 4.56 -1.56 16.66
C ARG A 20 4.88 -2.67 17.66
C ARG A 20 4.89 -2.68 17.64
N LYS A 21 6.11 -2.68 18.17
CA LYS A 21 6.52 -3.72 19.12
C LYS A 21 5.82 -3.58 20.45
N SER A 22 5.70 -2.34 20.94
CA SER A 22 5.17 -2.13 22.28
C SER A 22 4.57 -0.73 22.40
N PRO A 23 3.24 -0.64 22.60
CA PRO A 23 2.28 -1.74 22.64
C PRO A 23 2.16 -2.42 21.28
N GLN A 24 1.87 -3.71 21.27
CA GLN A 24 1.73 -4.47 20.02
C GLN A 24 0.48 -4.01 19.28
N GLU A 25 0.66 -3.37 18.13
CA GLU A 25 -0.48 -2.84 17.39
C GLU A 25 -0.15 -2.57 15.93
N LEU A 26 -1.19 -2.53 15.09
CA LEU A 26 -1.05 -2.17 13.68
C LEU A 26 -0.75 -0.70 13.60
N LEU A 27 0.28 -0.36 12.85
CA LEU A 27 0.58 1.05 12.57
C LEU A 27 0.16 1.48 11.17
N CYS A 28 0.41 0.64 10.18
CA CYS A 28 0.27 1.07 8.79
C CYS A 28 0.38 -0.17 7.94
N GLY A 29 -0.02 -0.02 6.69
CA GLY A 29 0.38 -0.96 5.66
C GLY A 29 1.72 -0.59 5.05
N ALA A 30 2.15 -1.45 4.14
CA ALA A 30 3.43 -1.34 3.46
C ALA A 30 3.41 -2.41 2.36
N SER A 31 4.47 -2.47 1.55
CA SER A 31 4.54 -3.43 0.47
C SER A 31 5.96 -3.96 0.30
N LEU A 32 6.03 -5.20 -0.15
CA LEU A 32 7.28 -5.86 -0.41
C LEU A 32 7.70 -5.63 -1.85
N ILE A 33 8.87 -5.04 -2.05
CA ILE A 33 9.37 -4.75 -3.38
C ILE A 33 10.59 -5.56 -3.77
N SER A 34 11.18 -6.28 -2.80
CA SER A 34 12.24 -7.24 -3.09
C SER A 34 12.38 -8.09 -1.83
N ASP A 35 13.34 -9.00 -1.78
CA ASP A 35 13.48 -9.84 -0.59
C ASP A 35 13.97 -9.08 0.64
N ARG A 36 14.44 -7.84 0.47
CA ARG A 36 15.03 -7.09 1.58
C ARG A 36 14.47 -5.68 1.75
N TRP A 37 13.56 -5.25 0.86
CA TRP A 37 13.07 -3.88 0.88
C TRP A 37 11.56 -3.81 0.92
N VAL A 38 11.09 -2.93 1.79
CA VAL A 38 9.67 -2.69 2.02
C VAL A 38 9.42 -1.21 1.81
N LEU A 39 8.35 -0.90 1.09
CA LEU A 39 7.94 0.45 0.77
C LEU A 39 6.73 0.84 1.62
N THR A 40 6.70 2.07 2.14
CA THR A 40 5.56 2.56 2.91
C THR A 40 5.47 4.07 2.76
N ALA A 41 4.54 4.68 3.47
CA ALA A 41 4.40 6.13 3.51
C ALA A 41 5.33 6.66 4.57
N ALA A 42 6.00 7.77 4.25
CA ALA A 42 6.83 8.46 5.24
C ALA A 42 6.06 8.79 6.50
N HIS A 43 4.79 9.18 6.38
CA HIS A 43 4.06 9.62 7.58
C HIS A 43 3.76 8.47 8.53
N CYS A 44 3.92 7.23 8.07
CA CYS A 44 3.82 6.09 8.96
C CYS A 44 4.98 6.00 9.94
N LEU A 45 6.09 6.64 9.60
CA LEU A 45 7.32 6.57 10.38
C LEU A 45 7.67 7.89 11.04
N LEU A 46 7.29 9.00 10.38
CA LEU A 46 7.68 10.32 10.82
C LEU A 46 6.54 11.28 10.63
N TYR A 47 6.01 11.79 11.73
CA TYR A 47 4.96 12.78 11.67
C TYR A 47 5.01 13.60 12.95
N PRO A 48 5.86 14.65 12.97
CA PRO A 48 6.06 15.44 14.18
C PRO A 48 4.82 16.08 14.78
N PRO A 49 3.82 16.44 13.98
CA PRO A 49 2.63 17.03 14.62
C PRO A 49 1.99 16.09 15.64
N TRP A 50 2.20 14.78 15.46
CA TRP A 50 1.65 13.76 16.35
C TRP A 50 2.74 13.12 17.20
N ASP A 51 3.90 13.75 17.28
CA ASP A 51 5.00 13.26 18.11
C ASP A 51 5.42 11.85 17.65
N LYS A 52 5.33 11.60 16.34
CA LYS A 52 5.69 10.30 15.78
C LYS A 52 7.06 10.42 15.09
N ASN A 53 8.01 9.61 15.55
CA ASN A 53 9.31 9.54 14.91
C ASN A 53 9.94 8.23 15.29
N PHE A 54 9.50 7.16 14.63
CA PHE A 54 9.94 5.84 15.00
C PHE A 54 11.39 5.59 14.61
N THR A 55 12.05 4.80 15.44
CA THR A 55 13.36 4.24 15.08
C THR A 55 13.16 2.78 14.67
N GLU A 56 14.20 2.22 14.06
CA GLU A 56 14.13 0.84 13.57
C GLU A 56 13.69 -0.15 14.64
N ASN A 57 14.22 0.01 15.85
CA ASN A 57 13.99 -0.96 16.90
C ASN A 57 12.58 -0.89 17.46
N ASP A 58 11.82 0.13 17.07
CA ASP A 58 10.47 0.29 17.58
C ASP A 58 9.50 -0.62 16.84
N LEU A 59 9.93 -1.12 15.68
CA LEU A 59 9.00 -1.65 14.69
C LEU A 59 9.35 -3.03 14.23
N LEU A 60 8.34 -3.73 13.73
CA LEU A 60 8.51 -4.97 12.96
C LEU A 60 7.67 -4.87 11.73
N VAL A 61 8.01 -5.69 10.73
CA VAL A 61 7.09 -5.88 9.61
C VAL A 61 6.67 -7.34 9.57
N ARG A 62 5.41 -7.53 9.26
CA ARG A 62 4.80 -8.85 9.22
C ARG A 62 4.34 -9.05 7.77
N ILE A 63 4.82 -10.12 7.16
CA ILE A 63 4.72 -10.33 5.71
C ILE A 63 4.01 -11.67 5.50
N GLY A 64 3.17 -11.77 4.49
CA GLY A 64 2.43 -12.99 4.25
C GLY A 64 1.12 -13.12 4.99
N LYS A 65 0.64 -12.03 5.61
CA LYS A 65 -0.53 -12.11 6.46
C LYS A 65 -1.83 -12.05 5.69
N HIS A 66 -2.85 -12.58 6.37
CA HIS A 66 -4.22 -12.51 5.89
C HIS A 66 -5.08 -12.01 7.07
N SER A 67 -5.13 -12.79 8.13
CA SER A 67 -5.76 -12.34 9.37
C SER A 67 -5.09 -11.09 9.92
N ARG A 68 -5.90 -10.13 10.38
CA ARG A 68 -5.39 -8.91 11.00
C ARG A 68 -4.69 -9.23 12.31
N THR A 69 -5.37 -9.94 13.20
CA THR A 69 -4.90 -10.00 14.58
C THR A 69 -4.19 -11.29 14.97
N ARG A 70 -4.39 -12.34 14.17
N ARG A 70 -4.40 -12.36 14.22
CA ARG A 70 -3.84 -13.66 14.47
CA ARG A 70 -3.87 -13.63 14.68
C ARG A 70 -2.35 -13.72 14.18
C ARG A 70 -2.44 -13.82 14.17
N TYR A 71 -1.63 -14.52 14.97
CA TYR A 71 -0.28 -14.89 14.58
C TYR A 71 -0.39 -16.09 13.63
N GLU A 72 -0.08 -15.90 12.36
CA GLU A 72 -0.35 -16.88 11.33
C GLU A 72 0.83 -17.82 11.17
N ARG A 73 0.89 -18.73 12.14
CA ARG A 73 1.95 -19.67 12.23
C ARG A 73 2.13 -20.46 10.93
N ASN A 74 3.38 -20.59 10.53
CA ASN A 74 3.82 -21.31 9.32
C ASN A 74 3.46 -20.59 8.02
N ILE A 75 2.94 -19.37 8.11
CA ILE A 75 2.53 -18.62 6.93
C ILE A 75 3.20 -17.24 6.94
N GLU A 76 2.89 -16.41 7.93
CA GLU A 76 3.52 -15.11 7.98
C GLU A 76 4.96 -15.22 8.40
N LYS A 77 5.73 -14.21 8.03
CA LYS A 77 7.09 -14.07 8.46
C LYS A 77 7.26 -12.68 9.03
N ILE A 78 7.98 -12.61 10.14
CA ILE A 78 8.19 -11.36 10.86
C ILE A 78 9.64 -10.98 10.74
N SER A 79 9.87 -9.75 10.27
CA SER A 79 11.19 -9.26 9.98
C SER A 79 11.50 -8.02 10.81
N MET A 80 12.75 -7.93 11.24
CA MET A 80 13.25 -6.75 11.91
C MET A 80 13.81 -5.80 10.90
N LEU A 81 13.87 -4.52 11.26
N LEU A 81 13.87 -4.52 11.26
CA LEU A 81 14.35 -3.50 10.35
CA LEU A 81 14.33 -3.48 10.36
C LEU A 81 15.82 -3.21 10.56
C LEU A 81 15.81 -3.20 10.56
N GLU A 82 16.57 -3.18 9.47
CA GLU A 82 17.94 -2.72 9.51
C GLU A 82 18.01 -1.20 9.47
N LYS A 83 17.23 -0.57 8.60
CA LYS A 83 17.34 0.87 8.41
C LYS A 83 16.10 1.42 7.75
N ILE A 84 15.66 2.58 8.23
CA ILE A 84 14.61 3.36 7.64
C ILE A 84 15.22 4.50 6.82
N TYR A 85 14.64 4.73 5.64
CA TYR A 85 15.03 5.83 4.76
C TYR A 85 13.77 6.61 4.41
N ILE A 86 13.73 7.86 4.83
N ILE A 86 13.74 7.88 4.79
CA ILE A 86 12.64 8.77 4.55
CA ILE A 86 12.61 8.72 4.47
C ILE A 86 13.04 9.66 3.37
C ILE A 86 13.03 9.69 3.40
N HIS A 87 12.13 9.96 2.46
CA HIS A 87 12.46 10.88 1.38
C HIS A 87 12.93 12.21 1.99
N PRO A 88 14.08 12.74 1.55
CA PRO A 88 14.64 13.93 2.19
C PRO A 88 13.78 15.17 2.01
N ARG A 89 12.86 15.14 1.05
CA ARG A 89 11.96 16.27 0.83
C ARG A 89 10.51 15.93 1.17
N TYR A 90 10.30 14.89 1.97
CA TYR A 90 8.98 14.60 2.51
C TYR A 90 8.51 15.82 3.31
N ASN A 91 7.34 16.31 2.96
CA ASN A 91 6.80 17.52 3.54
C ASN A 91 5.73 17.20 4.58
N TRP A 92 6.19 16.94 5.79
CA TRP A 92 5.25 16.68 6.89
C TRP A 92 4.67 17.98 7.43
N ARG A 93 5.28 19.11 7.10
CA ARG A 93 4.83 20.39 7.63
CA ARG A 93 4.83 20.39 7.63
C ARG A 93 3.51 20.82 7.05
N GLU A 94 3.31 20.54 5.76
CA GLU A 94 2.17 21.09 5.02
C GLU A 94 1.15 20.07 4.50
N ASN A 95 1.53 19.29 3.50
CA ASN A 95 0.57 18.51 2.75
C ASN A 95 0.98 17.07 2.48
N LEU A 96 2.01 16.58 3.17
CA LEU A 96 2.52 15.22 2.97
C LEU A 96 3.06 15.03 1.56
N ASP A 97 3.55 16.09 0.93
CA ASP A 97 4.22 15.92 -0.36
C ASP A 97 5.39 14.93 -0.22
N ARG A 98 5.51 14.06 -1.21
CA ARG A 98 6.57 13.05 -1.24
C ARG A 98 6.49 12.11 -0.05
N ASP A 99 5.30 11.57 0.15
CA ASP A 99 5.01 10.73 1.30
C ASP A 99 5.46 9.29 1.03
N ILE A 100 6.76 9.07 1.19
CA ILE A 100 7.36 7.80 0.81
C ILE A 100 8.57 7.51 1.70
N ALA A 101 8.74 6.24 2.01
CA ALA A 101 9.84 5.77 2.82
C ALA A 101 10.13 4.32 2.45
N LEU A 102 11.37 3.95 2.65
CA LEU A 102 11.83 2.58 2.45
C LEU A 102 12.31 2.04 3.77
N MET A 103 12.14 0.73 3.95
CA MET A 103 12.68 0.02 5.09
C MET A 103 13.48 -1.15 4.57
N LYS A 104 14.74 -1.24 4.97
CA LYS A 104 15.59 -2.36 4.65
C LYS A 104 15.49 -3.38 5.77
N LEU A 105 15.25 -4.63 5.41
CA LEU A 105 15.11 -5.69 6.40
C LEU A 105 16.49 -6.19 6.84
N LYS A 106 16.57 -6.65 8.08
CA LYS A 106 17.84 -7.18 8.55
C LYS A 106 18.26 -8.44 7.80
N LYS A 107 17.29 -9.25 7.40
CA LYS A 107 17.57 -10.49 6.67
C LYS A 107 16.59 -10.60 5.53
N PRO A 108 16.99 -11.24 4.43
CA PRO A 108 16.00 -11.42 3.37
C PRO A 108 14.83 -12.30 3.82
N VAL A 109 13.64 -11.99 3.36
CA VAL A 109 12.47 -12.84 3.63
C VAL A 109 12.36 -13.90 2.54
N ALA A 110 11.96 -15.10 2.95
CA ALA A 110 11.77 -16.18 2.00
C ALA A 110 10.45 -16.02 1.29
N PHE A 111 10.48 -16.10 -0.03
CA PHE A 111 9.23 -16.02 -0.79
C PHE A 111 8.46 -17.32 -0.64
N SER A 112 7.15 -17.25 -0.85
CA SER A 112 6.27 -18.41 -0.69
C SER A 112 4.99 -18.12 -1.47
N ASP A 113 4.01 -19.00 -1.35
CA ASP A 113 2.72 -18.73 -1.97
C ASP A 113 2.08 -17.45 -1.46
N TYR A 114 2.50 -17.03 -0.27
CA TYR A 114 1.89 -15.92 0.47
C TYR A 114 2.72 -14.66 0.47
N ILE A 115 3.96 -14.77 0.02
CA ILE A 115 4.96 -13.71 0.11
C ILE A 115 5.66 -13.58 -1.25
N HIS A 116 5.48 -12.45 -1.90
CA HIS A 116 6.05 -12.27 -3.23
C HIS A 116 6.05 -10.77 -3.52
N PRO A 117 7.10 -10.24 -4.15
CA PRO A 117 7.16 -8.79 -4.39
C PRO A 117 6.30 -8.30 -5.53
N VAL A 118 5.87 -7.05 -5.36
CA VAL A 118 5.18 -6.31 -6.41
C VAL A 118 6.19 -5.61 -7.30
N CYS A 119 5.85 -5.32 -8.55
CA CYS A 119 6.74 -4.54 -9.39
C CYS A 119 6.55 -3.05 -9.14
N LEU A 120 7.59 -2.28 -9.37
CA LEU A 120 7.48 -0.85 -9.43
C LEU A 120 7.38 -0.43 -10.89
N PRO A 121 6.58 0.58 -11.19
CA PRO A 121 6.35 0.96 -12.58
C PRO A 121 7.56 1.59 -13.23
N ASP A 122 7.67 1.34 -14.53
CA ASP A 122 8.54 2.06 -15.44
C ASP A 122 7.73 3.25 -15.97
N ARG A 123 8.40 4.17 -16.64
CA ARG A 123 7.74 5.39 -17.11
C ARG A 123 6.56 5.08 -18.03
N GLU A 124 6.73 4.08 -18.89
CA GLU A 124 5.72 3.76 -19.88
C GLU A 124 4.48 3.13 -19.28
N THR A 125 4.66 2.21 -18.35
CA THR A 125 3.53 1.60 -17.67
C THR A 125 2.80 2.68 -16.89
N ALA A 126 3.54 3.56 -16.22
CA ALA A 126 2.91 4.66 -15.50
C ALA A 126 2.12 5.58 -16.45
N ALA A 127 2.72 5.96 -17.57
CA ALA A 127 2.03 6.85 -18.51
C ALA A 127 0.77 6.19 -19.05
N SER A 128 0.85 4.90 -19.31
CA SER A 128 -0.28 4.19 -19.88
CA SER A 128 -0.26 4.16 -19.89
C SER A 128 -1.41 3.96 -18.91
N LEU A 129 -1.08 3.68 -17.66
CA LEU A 129 -2.11 3.27 -16.71
C LEU A 129 -2.62 4.34 -15.78
N LEU A 130 -1.86 5.41 -15.55
CA LEU A 130 -2.29 6.47 -14.64
CA LEU A 130 -2.31 6.41 -14.58
C LEU A 130 -3.18 7.45 -15.33
N GLN A 131 -4.41 7.02 -15.62
CA GLN A 131 -5.36 7.77 -16.39
C GLN A 131 -6.67 7.77 -15.63
N ALA A 132 -7.36 8.90 -15.69
CA ALA A 132 -8.64 9.00 -15.04
C ALA A 132 -9.58 7.92 -15.53
N GLY A 133 -10.26 7.30 -14.58
CA GLY A 133 -11.20 6.25 -14.85
C GLY A 133 -10.58 4.86 -14.73
N TYR A 134 -9.28 4.75 -14.95
CA TYR A 134 -8.61 3.46 -14.81
C TYR A 134 -8.56 3.10 -13.33
N LYS A 135 -8.87 1.84 -13.01
CA LYS A 135 -8.95 1.40 -11.63
C LYS A 135 -7.70 0.75 -11.14
N GLY A 136 -7.38 1.01 -9.88
CA GLY A 136 -6.42 0.28 -9.14
C GLY A 136 -7.05 -0.36 -7.93
N ARG A 137 -6.22 -1.02 -7.15
CA ARG A 137 -6.66 -1.84 -6.04
C ARG A 137 -5.90 -1.45 -4.81
N VAL A 138 -6.64 -1.24 -3.73
CA VAL A 138 -6.09 -0.84 -2.44
C VAL A 138 -6.42 -1.95 -1.45
N THR A 139 -5.44 -2.27 -0.62
CA THR A 139 -5.59 -3.38 0.35
C THR A 139 -5.10 -2.92 1.70
N GLY A 140 -5.72 -3.41 2.77
CA GLY A 140 -5.22 -3.10 4.08
C GLY A 140 -6.10 -3.64 5.17
N TRP A 141 -5.60 -3.47 6.39
CA TRP A 141 -6.28 -3.93 7.60
C TRP A 141 -6.82 -2.75 8.39
N GLY A 142 -6.95 -1.60 7.77
CA GLY A 142 -7.49 -0.43 8.44
C GLY A 142 -8.98 -0.51 8.70
N ASN A 143 -9.49 0.53 9.34
CA ASN A 143 -10.86 0.50 9.79
C ASN A 143 -11.86 0.40 8.65
N LEU A 144 -12.99 -0.19 8.96
CA LEU A 144 -14.07 -0.42 8.03
C LEU A 144 -14.98 0.77 7.83
N LYS A 145 -14.89 1.75 8.73
CA LYS A 145 -15.72 2.95 8.69
C LYS A 145 -14.94 4.07 9.36
N GLU A 146 -15.23 5.28 8.97
CA GLU A 146 -14.57 6.43 9.55
C GLU A 146 -14.80 6.52 11.05
N THR A 147 -16.03 6.26 11.46
CA THR A 147 -16.40 6.38 12.86
C THR A 147 -16.88 5.05 13.40
N GLY A 155 -16.19 -2.43 13.01
CA GLY A 155 -15.21 -1.36 12.96
C GLY A 155 -13.88 -1.77 12.38
N GLN A 156 -13.37 -2.92 12.78
CA GLN A 156 -12.07 -3.41 12.31
C GLN A 156 -12.21 -4.79 11.71
N PRO A 157 -11.44 -5.08 10.65
CA PRO A 157 -11.65 -6.33 9.92
C PRO A 157 -10.97 -7.54 10.54
N SER A 158 -11.59 -8.69 10.35
CA SER A 158 -10.95 -9.95 10.68
C SER A 158 -9.77 -10.25 9.77
N VAL A 159 -9.91 -9.99 8.47
CA VAL A 159 -8.88 -10.31 7.50
C VAL A 159 -8.66 -9.12 6.56
N LEU A 160 -7.56 -9.21 5.82
CA LEU A 160 -7.19 -8.19 4.85
C LEU A 160 -8.38 -7.85 3.95
N GLN A 161 -8.57 -6.55 3.73
CA GLN A 161 -9.64 -6.05 2.90
C GLN A 161 -9.07 -5.52 1.59
N VAL A 162 -9.92 -5.56 0.57
CA VAL A 162 -9.56 -5.13 -0.77
C VAL A 162 -10.68 -4.28 -1.36
N VAL A 163 -10.30 -3.23 -2.06
CA VAL A 163 -11.28 -2.46 -2.81
C VAL A 163 -10.61 -1.95 -4.09
N ASN A 164 -11.35 -1.94 -5.19
CA ASN A 164 -10.89 -1.42 -6.47
C ASN A 164 -11.50 -0.04 -6.65
N LEU A 165 -10.69 0.94 -7.04
CA LEU A 165 -11.14 2.34 -7.09
C LEU A 165 -10.57 3.00 -8.33
N PRO A 166 -11.36 3.86 -8.98
CA PRO A 166 -10.88 4.55 -10.17
C PRO A 166 -10.04 5.77 -9.85
N ILE A 167 -8.98 5.98 -10.62
CA ILE A 167 -8.21 7.20 -10.59
C ILE A 167 -9.13 8.33 -11.04
N VAL A 168 -8.96 9.49 -10.41
CA VAL A 168 -9.83 10.65 -10.64
C VAL A 168 -9.04 11.74 -11.36
N GLU A 169 -9.73 12.47 -12.22
CA GLU A 169 -9.18 13.58 -12.94
C GLU A 169 -8.54 14.58 -11.97
N ARG A 170 -7.38 15.11 -12.32
CA ARG A 170 -6.68 16.00 -11.39
C ARG A 170 -7.47 17.24 -10.97
N PRO A 171 -8.22 17.88 -11.89
CA PRO A 171 -8.98 19.06 -11.42
C PRO A 171 -10.04 18.68 -10.39
N VAL A 172 -10.64 17.51 -10.53
CA VAL A 172 -11.63 17.05 -9.57
C VAL A 172 -10.94 16.76 -8.22
N CYS A 173 -9.78 16.11 -8.25
CA CYS A 173 -9.03 15.93 -7.01
C CYS A 173 -8.80 17.27 -6.33
N LYS A 174 -8.29 18.23 -7.07
CA LYS A 174 -7.93 19.50 -6.50
C LYS A 174 -9.15 20.24 -5.94
N ASP A 175 -10.25 20.15 -6.66
CA ASP A 175 -11.47 20.88 -6.29
C ASP A 175 -12.22 20.24 -5.13
N SER A 176 -11.75 19.09 -4.67
CA SER A 176 -12.40 18.38 -3.58
C SER A 176 -11.86 18.76 -2.21
N THR A 177 -10.81 19.57 -2.17
CA THR A 177 -10.05 19.80 -0.95
C THR A 177 -9.46 21.18 -0.94
N ARG A 178 -9.13 21.66 0.25
CA ARG A 178 -8.40 22.90 0.39
C ARG A 178 -6.90 22.67 0.44
N ILE A 179 -6.47 21.42 0.59
CA ILE A 179 -5.06 21.11 0.64
C ILE A 179 -4.44 21.30 -0.73
N ARG A 180 -3.19 21.79 -0.77
CA ARG A 180 -2.45 21.94 -2.01
C ARG A 180 -2.00 20.57 -2.51
N ILE A 181 -2.49 20.21 -3.69
CA ILE A 181 -2.18 18.91 -4.30
C ILE A 181 -1.00 19.07 -5.23
N THR A 182 -0.04 18.17 -5.17
CA THR A 182 1.17 18.26 -5.98
C THR A 182 1.21 17.15 -7.01
N ASP A 183 2.17 17.28 -7.92
CA ASP A 183 2.39 16.25 -8.92
C ASP A 183 2.86 14.94 -8.34
N ASN A 184 3.23 14.93 -7.07
CA ASN A 184 3.65 13.70 -6.39
C ASN A 184 2.51 12.95 -5.74
N MET A 185 1.29 13.37 -6.05
CA MET A 185 0.07 12.78 -5.54
C MET A 185 -0.88 12.51 -6.68
N PHE A 186 -1.73 11.50 -6.51
CA PHE A 186 -2.91 11.37 -7.34
C PHE A 186 -4.06 10.98 -6.43
N CYS A 187 -5.28 11.14 -6.88
CA CYS A 187 -6.42 10.73 -6.08
C CYS A 187 -7.28 9.71 -6.79
N ALA A 188 -8.04 8.96 -5.99
CA ALA A 188 -8.86 7.89 -6.50
C ALA A 188 -10.09 7.72 -5.64
N GLY A 189 -11.14 7.18 -6.23
CA GLY A 189 -12.41 6.98 -5.56
C GLY A 189 -13.54 7.27 -6.51
N TYR A 190 -14.73 6.83 -6.14
CA TYR A 190 -15.91 7.09 -6.92
C TYR A 190 -16.47 8.47 -6.60
N LYS A 191 -17.14 9.03 -7.58
CA LYS A 191 -17.83 10.31 -7.42
CA LYS A 191 -17.82 10.30 -7.42
C LYS A 191 -19.20 10.03 -6.80
N PRO A 192 -19.80 11.04 -6.17
CA PRO A 192 -21.12 10.83 -5.55
C PRO A 192 -22.16 10.22 -6.50
N ASP A 193 -22.13 10.65 -7.76
CA ASP A 193 -23.12 10.20 -8.74
C ASP A 193 -22.83 8.81 -9.29
N GLU A 194 -21.66 8.26 -8.98
CA GLU A 194 -21.26 6.99 -9.58
C GLU A 194 -21.87 5.79 -8.84
N GLY A 195 -22.49 6.03 -7.69
CA GLY A 195 -23.16 4.95 -6.96
C GLY A 195 -22.24 4.09 -6.10
N LYS A 196 -21.24 3.44 -6.72
CA LYS A 196 -20.29 2.60 -5.99
C LYS A 196 -19.51 3.48 -5.04
N ARG A 197 -18.91 2.85 -4.03
CA ARG A 197 -18.21 3.54 -2.96
C ARG A 197 -16.92 2.84 -2.63
N GLY A 198 -16.20 3.33 -1.63
CA GLY A 198 -14.98 2.68 -1.18
C GLY A 198 -13.87 3.65 -0.96
N ASP A 199 -13.02 3.34 0.01
CA ASP A 199 -11.87 4.18 0.34
C ASP A 199 -10.97 3.42 1.27
N ALA A 200 -9.75 3.91 1.41
CA ALA A 200 -8.92 3.57 2.54
C ALA A 200 -9.42 4.26 3.78
N CYS A 201 -8.91 3.82 4.91
CA CYS A 201 -9.24 4.45 6.18
C CYS A 201 -8.12 4.25 7.18
N GLU A 202 -8.36 4.57 8.44
CA GLU A 202 -7.30 4.57 9.44
C GLU A 202 -6.67 3.19 9.59
N GLY A 203 -5.35 3.12 9.39
CA GLY A 203 -4.58 1.90 9.44
C GLY A 203 -4.19 1.35 8.07
N ASP A 204 -4.82 1.84 7.02
CA ASP A 204 -4.49 1.45 5.66
C ASP A 204 -3.32 2.22 5.09
N SER A 205 -3.03 3.38 5.62
CA SER A 205 -2.01 4.22 5.04
C SER A 205 -0.67 3.49 5.03
N GLY A 206 0.10 3.82 4.00
CA GLY A 206 1.36 3.17 3.76
C GLY A 206 1.24 1.94 2.86
N GLY A 207 0.06 1.37 2.73
CA GLY A 207 -0.14 0.24 1.88
C GLY A 207 -0.23 0.60 0.40
N PRO A 208 -0.38 -0.41 -0.43
CA PRO A 208 -0.23 -0.21 -1.87
C PRO A 208 -1.54 0.04 -2.60
N PHE A 209 -1.44 0.86 -3.65
CA PHE A 209 -2.43 1.01 -4.72
C PHE A 209 -1.77 0.37 -5.93
N VAL A 210 -2.33 -0.75 -6.36
CA VAL A 210 -1.74 -1.53 -7.44
C VAL A 210 -2.64 -1.60 -8.65
N MET A 211 -2.01 -1.82 -9.80
CA MET A 211 -2.72 -1.99 -11.07
C MET A 211 -2.13 -3.19 -11.77
N LYS A 212 -2.96 -3.96 -12.47
CA LYS A 212 -2.47 -5.12 -13.19
C LYS A 212 -2.28 -4.71 -14.64
N SER A 213 -1.04 -4.70 -15.10
CA SER A 213 -0.79 -4.28 -16.47
C SER A 213 -1.46 -5.21 -17.45
N PRO A 214 -2.21 -4.66 -18.39
CA PRO A 214 -2.82 -5.53 -19.40
C PRO A 214 -1.84 -5.92 -20.51
N PHE A 215 -0.66 -5.33 -20.49
CA PHE A 215 0.38 -5.60 -21.45
C PHE A 215 1.19 -6.85 -21.10
N ASN A 216 1.53 -7.00 -19.81
CA ASN A 216 2.38 -8.11 -19.39
C ASN A 216 1.82 -8.91 -18.24
N ASN A 217 0.61 -8.59 -17.81
CA ASN A 217 -0.12 -9.32 -16.79
C ASN A 217 0.59 -9.37 -15.44
N ARG A 218 1.39 -8.35 -15.15
CA ARG A 218 2.03 -8.19 -13.86
C ARG A 218 1.40 -7.06 -13.08
N TRP A 219 1.43 -7.21 -11.76
CA TRP A 219 1.00 -6.17 -10.85
C TRP A 219 2.10 -5.17 -10.55
N TYR A 220 1.73 -3.91 -10.67
CA TYR A 220 2.58 -2.77 -10.42
C TYR A 220 2.02 -1.91 -9.31
N GLN A 221 2.89 -1.43 -8.45
CA GLN A 221 2.47 -0.49 -7.41
C GLN A 221 2.59 0.94 -7.90
N MET A 222 1.44 1.52 -8.22
CA MET A 222 1.39 2.88 -8.70
C MET A 222 1.30 3.91 -7.61
N GLY A 223 0.73 3.54 -6.47
CA GLY A 223 0.53 4.50 -5.39
C GLY A 223 0.83 3.90 -4.04
N ILE A 224 0.98 4.79 -3.08
CA ILE A 224 1.02 4.44 -1.68
C ILE A 224 -0.14 5.17 -1.02
N VAL A 225 -0.93 4.48 -0.23
CA VAL A 225 -2.03 5.10 0.52
C VAL A 225 -1.45 6.21 1.39
N SER A 226 -1.83 7.47 1.12
CA SER A 226 -1.19 8.59 1.76
C SER A 226 -2.10 9.34 2.73
N TRP A 227 -3.21 9.88 2.25
CA TRP A 227 -4.06 10.65 3.15
C TRP A 227 -5.44 10.80 2.57
N GLY A 228 -6.38 11.13 3.45
CA GLY A 228 -7.73 11.42 3.04
C GLY A 228 -8.40 12.21 4.16
N GLU A 229 -9.37 13.00 3.79
CA GLU A 229 -10.15 13.77 4.74
C GLU A 229 -11.41 13.01 5.02
N GLY A 230 -11.38 12.29 6.13
CA GLY A 230 -12.40 11.30 6.41
C GLY A 230 -12.13 10.01 5.65
N CYS A 231 -13.08 9.10 5.71
CA CYS A 231 -13.04 7.88 4.91
C CYS A 231 -14.34 7.70 4.19
N ASP A 232 -14.27 7.54 2.87
CA ASP A 232 -15.41 7.25 2.03
C ASP A 232 -16.48 8.33 2.14
N ARG A 233 -16.08 9.58 2.30
CA ARG A 233 -17.05 10.68 2.28
C ARG A 233 -17.43 11.03 0.85
N ASP A 234 -18.70 11.34 0.64
CA ASP A 234 -19.13 11.82 -0.68
C ASP A 234 -18.41 13.10 -1.04
N GLY A 235 -17.89 13.15 -2.25
CA GLY A 235 -17.23 14.34 -2.75
C GLY A 235 -15.79 14.46 -2.33
N LYS A 236 -15.31 13.55 -1.52
CA LYS A 236 -13.91 13.46 -1.13
CA LYS A 236 -13.91 13.46 -1.15
C LYS A 236 -13.29 12.27 -1.84
N TYR A 237 -11.96 12.28 -1.94
CA TYR A 237 -11.21 11.24 -2.60
C TYR A 237 -9.99 10.90 -1.76
N GLY A 238 -9.51 9.68 -1.87
CA GLY A 238 -8.27 9.33 -1.23
C GLY A 238 -7.08 9.77 -2.07
N PHE A 239 -6.02 10.18 -1.38
CA PHE A 239 -4.79 10.62 -2.03
C PHE A 239 -3.69 9.62 -1.82
N TYR A 240 -2.91 9.46 -2.87
CA TYR A 240 -1.90 8.41 -2.98
C TYR A 240 -0.59 9.02 -3.45
N THR A 241 0.50 8.57 -2.88
CA THR A 241 1.81 8.97 -3.35
C THR A 241 2.05 8.38 -4.72
N HIS A 242 2.54 9.22 -5.63
CA HIS A 242 2.79 8.85 -7.02
C HIS A 242 4.15 8.15 -7.06
N VAL A 243 4.12 6.83 -7.05
CA VAL A 243 5.35 6.06 -6.89
C VAL A 243 6.32 6.32 -8.04
N PHE A 244 5.83 6.30 -9.28
CA PHE A 244 6.73 6.50 -10.39
C PHE A 244 7.46 7.83 -10.29
N ARG A 245 6.76 8.90 -9.90
CA ARG A 245 7.40 10.20 -9.82
C ARG A 245 8.55 10.22 -8.85
N LEU A 246 8.55 9.32 -7.86
CA LEU A 246 9.55 9.29 -6.83
C LEU A 246 10.51 8.11 -7.00
N LYS A 247 10.42 7.45 -8.15
CA LYS A 247 11.18 6.22 -8.31
C LYS A 247 12.69 6.44 -8.39
N LYS A 248 13.12 7.58 -8.90
CA LYS A 248 14.55 7.86 -8.94
C LYS A 248 15.14 7.87 -7.54
N TRP A 249 14.38 8.37 -6.56
CA TRP A 249 14.83 8.34 -5.18
C TRP A 249 14.87 6.90 -4.66
N ILE A 250 13.84 6.13 -4.93
CA ILE A 250 13.83 4.72 -4.53
C ILE A 250 15.06 4.00 -5.05
N GLN A 251 15.34 4.17 -6.33
N GLN A 251 15.33 4.16 -6.33
CA GLN A 251 16.45 3.49 -6.97
CA GLN A 251 16.45 3.49 -6.99
C GLN A 251 17.77 3.95 -6.37
C GLN A 251 17.78 3.95 -6.39
N LYS A 252 17.88 5.24 -6.07
CA LYS A 252 19.10 5.78 -5.50
C LYS A 252 19.37 5.15 -4.13
N VAL A 253 18.33 5.02 -3.32
CA VAL A 253 18.49 4.41 -2.00
C VAL A 253 18.89 2.94 -2.13
N ILE A 254 18.20 2.21 -2.98
CA ILE A 254 18.49 0.79 -3.13
C ILE A 254 19.89 0.60 -3.74
N ASP A 255 20.26 1.42 -4.72
CA ASP A 255 21.58 1.30 -5.34
C ASP A 255 22.68 1.59 -4.33
N GLN A 256 22.45 2.54 -3.44
CA GLN A 256 23.48 2.98 -2.50
C GLN A 256 23.60 2.06 -1.29
N PHE A 257 22.45 1.58 -0.80
CA PHE A 257 22.40 0.89 0.49
C PHE A 257 22.01 -0.57 0.35
N ASP B 2 -5.94 -7.18 21.88
CA ASP B 2 -6.47 -7.24 20.50
C ASP B 2 -5.67 -8.18 19.57
N PHE B 3 -4.36 -8.04 19.55
CA PHE B 3 -3.52 -8.89 18.71
C PHE B 3 -3.01 -10.11 19.46
N GLU B 4 -2.97 -11.25 18.77
CA GLU B 4 -2.35 -12.43 19.35
C GLU B 4 -0.86 -12.15 19.56
N GLU B 5 -0.34 -12.59 20.71
CA GLU B 5 1.07 -12.41 20.98
C GLU B 5 1.91 -13.08 19.89
N ILE B 6 2.96 -12.40 19.45
CA ILE B 6 3.85 -13.00 18.49
C ILE B 6 4.97 -13.68 19.26
N PRO B 7 5.67 -14.62 18.61
CA PRO B 7 6.77 -15.31 19.27
C PRO B 7 7.82 -14.36 19.85
N GLU B 8 8.32 -14.67 21.04
CA GLU B 8 9.22 -13.79 21.75
C GLU B 8 10.50 -13.51 20.97
N GLU B 9 10.89 -14.46 20.12
CA GLU B 9 12.10 -14.32 19.34
C GLU B 9 12.12 -13.04 18.49
N LEU B 11 10.92 -10.19 19.40
CA LEU B 11 10.91 -9.01 20.26
C LEU B 11 12.27 -8.79 20.95
N GLN B 12 13.19 -9.72 20.75
CA GLN B 12 14.49 -9.64 21.41
C GLN B 12 15.49 -8.81 20.62
N GLU C 1 12.56 -7.26 -9.22
CA GLU C 1 12.83 -8.65 -9.49
C GLU C 1 12.22 -9.12 -10.81
N ALA C 2 12.91 -10.04 -11.47
CA ALA C 2 12.45 -10.59 -12.74
C ALA C 2 11.06 -11.20 -12.62
N ASP C 3 10.72 -11.70 -11.44
CA ASP C 3 9.45 -12.36 -11.23
C ASP C 3 8.43 -11.49 -10.48
N CYS C 4 8.70 -10.19 -10.39
CA CYS C 4 7.82 -9.36 -9.63
C CYS C 4 6.41 -9.36 -10.18
N GLY C 5 5.45 -9.17 -9.29
CA GLY C 5 4.10 -8.88 -9.73
C GLY C 5 3.31 -10.05 -10.26
N LEU C 6 3.87 -11.25 -10.13
CA LEU C 6 3.22 -12.47 -10.56
C LEU C 6 2.94 -13.33 -9.35
N ARG C 7 1.67 -13.51 -9.02
CA ARG C 7 1.32 -14.11 -7.73
C ARG C 7 1.33 -15.62 -7.85
N PRO C 8 1.99 -16.30 -6.89
CA PRO C 8 2.01 -17.77 -6.90
C PRO C 8 0.62 -18.40 -7.01
N LEU C 9 -0.37 -17.86 -6.34
CA LEU C 9 -1.66 -18.50 -6.32
C LEU C 9 -2.61 -18.03 -7.40
N PHE C 10 -2.14 -17.11 -8.25
CA PHE C 10 -2.96 -16.55 -9.32
C PHE C 10 -2.23 -16.62 -10.64
N GLU C 11 -1.47 -15.62 -11.02
CA GLU C 11 -0.84 -15.63 -12.33
C GLU C 11 0.03 -16.85 -12.57
N LYS C 12 0.78 -17.28 -11.55
CA LYS C 12 1.69 -18.41 -11.77
C LYS C 12 0.94 -19.68 -12.08
N LYS C 13 -0.33 -19.80 -11.70
CA LYS C 13 -1.09 -21.00 -12.03
CA LYS C 13 -1.20 -20.95 -11.94
C LYS C 13 -2.27 -20.69 -12.99
N SER C 14 -2.22 -19.53 -13.63
CA SER C 14 -3.28 -19.08 -14.51
C SER C 14 -4.67 -19.15 -13.89
N LEU C 15 -4.75 -18.68 -12.65
CA LEU C 15 -6.02 -18.49 -11.97
C LEU C 15 -6.23 -17.00 -11.79
N GLU C 16 -7.43 -16.55 -12.06
N GLU C 16 -7.47 -16.60 -11.98
CA GLU C 16 -7.79 -15.16 -11.82
CA GLU C 16 -7.91 -15.22 -11.88
C GLU C 16 -8.47 -15.00 -10.49
C GLU C 16 -8.56 -14.96 -10.53
N ASP C 17 -8.24 -13.86 -9.88
CA ASP C 17 -8.94 -13.50 -8.65
C ASP C 17 -10.31 -12.94 -8.98
N LYS C 18 -11.14 -12.77 -7.97
CA LYS C 18 -12.56 -12.52 -8.19
C LYS C 18 -12.87 -11.17 -8.79
N THR C 19 -11.97 -10.19 -8.69
CA THR C 19 -12.31 -8.84 -9.14
C THR C 19 -11.27 -8.22 -10.07
N GLU C 20 -10.22 -8.95 -10.47
CA GLU C 20 -9.21 -8.35 -11.33
C GLU C 20 -9.80 -7.95 -12.66
N ARG C 21 -10.83 -8.65 -13.12
CA ARG C 21 -11.45 -8.28 -14.37
C ARG C 21 -12.02 -6.87 -14.34
N GLU C 22 -12.47 -6.42 -13.18
CA GLU C 22 -12.99 -5.07 -13.04
C GLU C 22 -11.90 -4.06 -13.40
N LEU C 23 -10.66 -4.34 -13.01
CA LEU C 23 -9.55 -3.47 -13.37
C LEU C 23 -9.33 -3.49 -14.86
N LEU C 24 -9.25 -4.68 -15.44
CA LEU C 24 -9.01 -4.79 -16.86
C LEU C 24 -10.06 -4.05 -17.67
N GLU C 25 -11.32 -4.19 -17.28
CA GLU C 25 -12.40 -3.54 -18.02
C GLU C 25 -12.30 -2.02 -17.96
N SER C 26 -11.63 -1.46 -16.96
CA SER C 26 -11.50 -0.02 -16.85
C SER C 26 -10.38 0.53 -17.73
N TYR C 27 -9.52 -0.34 -18.27
CA TYR C 27 -8.33 0.09 -18.99
C TYR C 27 -8.72 0.21 -20.47
N ILE C 28 -9.46 1.28 -20.77
CA ILE C 28 -10.14 1.47 -22.05
C ILE C 28 -9.41 2.43 -22.96
#